data_7SI5
#
_entry.id   7SI5
#
_cell.length_a   57.860
_cell.length_b   85.030
_cell.length_c   91.920
_cell.angle_alpha   90.000
_cell.angle_beta   90.000
_cell.angle_gamma   90.000
#
_symmetry.space_group_name_H-M   'P 21 21 21'
#
loop_
_entity.id
_entity.type
_entity.pdbx_description
1 polymer 'Polycomb protein EED'
2 non-polymer 'SODIUM ION'
3 non-polymer (4R)-8-(1,3-dimethyl-1H-pyrazol-5-yl)-5-{[(5-fluoro-2,3-dihydro-1-benzofuran-4-yl)methyl]amino}imidazo[1,2-c]pyrimidine-2-carbonitrile
4 non-polymer 1,2-ETHANEDIOL
5 non-polymer 'FORMIC ACID'
6 water water
#
_entity_poly.entity_id   1
_entity_poly.type   'polypeptide(L)'
_entity_poly.pdbx_seq_one_letter_code
;DAVSIESGTNTERPDTPTNTPNAPGRKSWGKGKWKSKKCKYSFKCVNSLKEDHNQPLFGVQFNWHSKEGDPLVFATVGSN
RVTLYECHSQGEIRLLQSYVDADADENFYTCAWTYDSNTSHPLLAVAGSRGIIRIINPITMQCIKHYVGHGNAINELKFH
PRDPNLLLSVSKDHALRLWNIQTDTLVAIFGGVEGHRDEVLSADYDLLGEKIMSCGMDHSLKLWRINSKRMMNAIKESYD
YNPNKTNRPFISQKIHFPDFSTRDIHRNYVDCVRWLGDLILSKSCENAIVCWKPGKMEDDIDKIKPSESNVTILGRFDYS
QCDIWYMRFSMDFWQKMLALGNQVGKLYVWDLEVEDPHKAKCTTLTHHKCGAAIRQTSFSRDSSILIAVCDDASIWRWDR
LR
;
_entity_poly.pdbx_strand_id   A
#
# COMPACT_ATOMS: atom_id res chain seq x y z
N TYR A 41 -23.48 12.32 -8.95
CA TYR A 41 -23.48 11.75 -7.60
C TYR A 41 -22.20 12.07 -6.84
N SER A 42 -22.32 12.85 -5.77
CA SER A 42 -21.19 13.21 -4.94
CA SER A 42 -21.20 13.22 -4.92
C SER A 42 -21.18 12.35 -3.66
N PHE A 43 -20.05 12.37 -2.96
CA PHE A 43 -19.93 11.61 -1.73
C PHE A 43 -20.65 12.31 -0.59
N LYS A 44 -21.39 11.53 0.19
CA LYS A 44 -22.07 12.00 1.40
C LYS A 44 -21.71 11.07 2.55
N CYS A 45 -21.52 11.64 3.74
CA CYS A 45 -21.14 10.84 4.90
C CYS A 45 -22.38 10.16 5.46
N VAL A 46 -22.39 8.83 5.47
CA VAL A 46 -23.58 8.09 5.86
C VAL A 46 -23.44 7.40 7.21
N ASN A 47 -22.22 7.22 7.72
CA ASN A 47 -22.06 6.56 9.01
C ASN A 47 -20.64 6.72 9.52
N SER A 48 -20.46 6.40 10.79
CA SER A 48 -19.15 6.37 11.40
C SER A 48 -19.22 5.44 12.60
N LEU A 49 -18.06 4.96 13.05
CA LEU A 49 -18.00 4.23 14.30
C LEU A 49 -16.59 4.36 14.85
N LYS A 50 -16.36 3.79 16.04
CA LYS A 50 -15.07 3.89 16.68
C LYS A 50 -14.72 2.54 17.29
N GLU A 51 -13.48 2.09 17.09
CA GLU A 51 -13.05 0.83 17.67
C GLU A 51 -12.63 1.03 19.12
N ASP A 52 -12.87 -0.02 19.93
CA ASP A 52 -12.81 0.12 21.39
C ASP A 52 -11.40 0.26 21.94
N HIS A 53 -10.36 0.09 21.12
CA HIS A 53 -9.01 0.21 21.65
C HIS A 53 -8.54 1.66 21.74
N ASN A 54 -9.21 2.59 21.04
CA ASN A 54 -8.95 4.02 21.11
C ASN A 54 -7.55 4.40 20.65
N GLN A 55 -6.88 3.53 19.89
CA GLN A 55 -5.56 3.80 19.32
C GLN A 55 -5.71 4.15 17.85
N PRO A 56 -4.68 4.74 17.24
CA PRO A 56 -4.78 5.10 15.81
C PRO A 56 -5.04 3.88 14.94
N LEU A 57 -5.90 4.06 13.94
CA LEU A 57 -6.02 3.13 12.84
C LEU A 57 -5.06 3.57 11.75
N PHE A 58 -4.11 2.71 11.40
CA PHE A 58 -3.08 3.08 10.44
C PHE A 58 -3.34 2.55 9.04
N GLY A 59 -4.26 1.61 8.87
CA GLY A 59 -4.49 1.04 7.55
C GLY A 59 -5.95 0.69 7.37
N VAL A 60 -6.40 0.76 6.11
CA VAL A 60 -7.73 0.27 5.75
C VAL A 60 -7.67 -0.14 4.28
N GLN A 61 -8.28 -1.30 3.96
CA GLN A 61 -8.30 -1.82 2.59
C GLN A 61 -9.62 -2.52 2.33
N PHE A 62 -10.36 -2.07 1.31
CA PHE A 62 -11.44 -2.92 0.82
C PHE A 62 -10.87 -4.19 0.20
N ASN A 63 -11.65 -5.26 0.24
CA ASN A 63 -11.30 -6.48 -0.48
C ASN A 63 -11.80 -6.34 -1.91
N TRP A 64 -10.91 -5.99 -2.84
CA TRP A 64 -11.33 -5.87 -4.23
C TRP A 64 -11.54 -7.22 -4.89
N HIS A 65 -11.26 -8.31 -4.19
CA HIS A 65 -11.53 -9.64 -4.69
C HIS A 65 -12.85 -10.21 -4.17
N SER A 66 -13.69 -9.41 -3.51
CA SER A 66 -14.94 -9.95 -3.00
C SER A 66 -15.82 -10.41 -4.14
N LYS A 67 -16.59 -11.47 -3.89
CA LYS A 67 -17.25 -12.19 -4.96
C LYS A 67 -18.56 -11.52 -5.36
N GLU A 68 -19.02 -11.85 -6.56
CA GLU A 68 -20.29 -11.31 -7.06
C GLU A 68 -21.44 -11.77 -6.17
N GLY A 69 -22.30 -10.82 -5.80
CA GLY A 69 -23.42 -11.11 -4.92
C GLY A 69 -23.11 -11.04 -3.44
N ASP A 70 -21.86 -10.85 -3.07
CA ASP A 70 -21.45 -10.71 -1.68
C ASP A 70 -21.32 -9.24 -1.31
N PRO A 71 -21.56 -8.88 -0.06
CA PRO A 71 -21.41 -7.47 0.34
C PRO A 71 -19.95 -7.04 0.25
N LEU A 72 -19.78 -5.73 0.13
CA LEU A 72 -18.43 -5.17 0.18
C LEU A 72 -17.89 -5.30 1.60
N VAL A 73 -16.61 -5.66 1.70
CA VAL A 73 -15.95 -5.89 2.98
CA VAL A 73 -15.93 -5.92 2.96
C VAL A 73 -14.63 -5.13 2.98
N PHE A 74 -14.32 -4.50 4.11
CA PHE A 74 -13.02 -3.87 4.28
C PHE A 74 -12.41 -4.31 5.61
N ALA A 75 -11.08 -4.24 5.67
CA ALA A 75 -10.32 -4.50 6.88
C ALA A 75 -9.71 -3.21 7.40
N THR A 76 -9.63 -3.10 8.73
CA THR A 76 -8.89 -2.03 9.38
C THR A 76 -7.78 -2.64 10.21
N VAL A 77 -6.66 -1.92 10.37
CA VAL A 77 -5.59 -2.35 11.29
C VAL A 77 -5.17 -1.20 12.17
N GLY A 78 -4.90 -1.52 13.42
CA GLY A 78 -4.44 -0.56 14.41
C GLY A 78 -4.33 -1.29 15.72
N SER A 79 -3.68 -0.64 16.69
CA SER A 79 -3.32 -1.33 17.92
C SER A 79 -2.69 -2.66 17.52
N ASN A 80 -3.00 -3.74 18.25
CA ASN A 80 -2.57 -5.08 17.86
C ASN A 80 -3.68 -5.87 17.19
N ARG A 81 -4.53 -5.21 16.39
CA ARG A 81 -5.79 -5.78 15.94
C ARG A 81 -5.96 -5.64 14.44
N VAL A 82 -6.66 -6.61 13.84
CA VAL A 82 -7.21 -6.50 12.49
C VAL A 82 -8.70 -6.75 12.61
N THR A 83 -9.52 -5.91 11.96
CA THR A 83 -10.96 -6.07 12.07
C THR A 83 -11.61 -6.01 10.69
N LEU A 84 -12.60 -6.88 10.44
CA LEU A 84 -13.35 -6.85 9.19
C LEU A 84 -14.75 -6.30 9.41
N TYR A 85 -15.24 -5.57 8.41
CA TYR A 85 -16.57 -4.99 8.42
C TYR A 85 -17.22 -5.20 7.06
N GLU A 86 -18.55 -5.27 7.04
CA GLU A 86 -19.34 -5.33 5.82
C GLU A 86 -20.15 -4.06 5.65
N CYS A 87 -20.20 -3.54 4.42
CA CYS A 87 -21.03 -2.38 4.11
C CYS A 87 -22.41 -2.85 3.66
N HIS A 88 -23.44 -2.29 4.29
CA HIS A 88 -24.82 -2.65 3.97
C HIS A 88 -25.61 -1.37 3.72
N SER A 89 -26.88 -1.55 3.36
CA SER A 89 -27.73 -0.42 3.01
C SER A 89 -27.99 0.46 4.23
N GLN A 90 -28.51 1.65 3.96
CA GLN A 90 -28.78 2.65 5.01
C GLN A 90 -27.51 3.00 5.77
N GLY A 91 -26.37 2.92 5.09
CA GLY A 91 -25.10 3.26 5.68
C GLY A 91 -24.60 2.31 6.75
N GLU A 92 -25.25 1.16 6.94
CA GLU A 92 -24.83 0.24 8.00
C GLU A 92 -23.41 -0.27 7.78
N ILE A 93 -22.60 -0.24 8.83
CA ILE A 93 -21.28 -0.86 8.85
C ILE A 93 -21.35 -2.02 9.83
N ARG A 94 -21.40 -3.24 9.31
CA ARG A 94 -21.64 -4.41 10.14
C ARG A 94 -20.33 -5.04 10.59
N LEU A 95 -20.14 -5.13 11.91
CA LEU A 95 -18.93 -5.71 12.48
C LEU A 95 -18.94 -7.22 12.34
N LEU A 96 -17.81 -7.79 11.88
CA LEU A 96 -17.70 -9.23 11.72
C LEU A 96 -16.82 -9.77 12.84
N GLN A 97 -15.50 -9.85 12.64
CA GLN A 97 -14.64 -10.52 13.60
C GLN A 97 -13.25 -9.93 13.48
N SER A 98 -12.51 -9.96 14.59
CA SER A 98 -11.15 -9.44 14.63
C SER A 98 -10.13 -10.56 14.79
N TYR A 99 -8.90 -10.27 14.38
CA TYR A 99 -7.73 -10.99 14.83
C TYR A 99 -6.97 -10.10 15.80
N VAL A 100 -6.63 -10.63 16.97
CA VAL A 100 -5.90 -9.89 17.99
C VAL A 100 -4.59 -10.61 18.24
N ASP A 101 -3.48 -9.92 18.02
CA ASP A 101 -2.18 -10.53 18.23
C ASP A 101 -1.96 -10.88 19.70
N ALA A 102 -1.31 -12.02 19.92
CA ALA A 102 -0.99 -12.45 21.28
C ALA A 102 0.01 -11.52 21.96
N ASP A 103 0.78 -10.76 21.18
CA ASP A 103 1.72 -9.80 21.71
C ASP A 103 0.99 -8.47 21.89
N ALA A 104 0.72 -8.10 23.13
CA ALA A 104 0.04 -6.84 23.40
C ALA A 104 0.83 -5.64 22.89
N ASP A 105 2.13 -5.79 22.68
CA ASP A 105 3.00 -4.73 22.18
C ASP A 105 3.11 -4.71 20.67
N GLU A 106 2.42 -5.59 19.95
CA GLU A 106 2.40 -5.48 18.50
C GLU A 106 1.59 -4.24 18.11
N ASN A 107 2.00 -3.61 17.02
CA ASN A 107 1.24 -2.51 16.45
C ASN A 107 1.20 -2.72 14.94
N PHE A 108 0.04 -3.13 14.42
CA PHE A 108 -0.08 -3.36 12.99
C PHE A 108 -0.11 -2.03 12.25
N TYR A 109 0.68 -1.95 11.17
CA TYR A 109 0.79 -0.73 10.38
C TYR A 109 0.14 -0.85 9.01
N THR A 110 -0.10 -2.06 8.53
CA THR A 110 -0.41 -2.22 7.12
C THR A 110 -1.13 -3.56 6.90
N CYS A 111 -1.98 -3.59 5.88
CA CYS A 111 -2.57 -4.86 5.48
C CYS A 111 -2.79 -4.85 3.97
N ALA A 112 -2.97 -6.04 3.41
CA ALA A 112 -3.17 -6.17 1.96
C ALA A 112 -3.91 -7.46 1.67
N TRP A 113 -4.86 -7.40 0.74
CA TRP A 113 -5.65 -8.57 0.39
C TRP A 113 -5.04 -9.35 -0.76
N THR A 114 -5.24 -10.66 -0.75
CA THR A 114 -4.97 -11.47 -1.94
C THR A 114 -5.97 -12.62 -1.93
N TYR A 115 -5.71 -13.65 -2.73
CA TYR A 115 -6.53 -14.84 -2.65
C TYR A 115 -5.64 -16.07 -2.78
N ASP A 116 -6.14 -17.19 -2.29
CA ASP A 116 -5.43 -18.46 -2.47
C ASP A 116 -5.46 -18.86 -3.94
N SER A 117 -4.29 -19.12 -4.53
CA SER A 117 -4.27 -19.31 -5.99
C SER A 117 -4.85 -20.65 -6.41
N ASN A 118 -4.99 -21.60 -5.50
CA ASN A 118 -5.64 -22.86 -5.87
C ASN A 118 -7.12 -22.87 -5.57
N THR A 119 -7.58 -22.19 -4.51
CA THR A 119 -8.97 -22.31 -4.09
C THR A 119 -9.83 -21.08 -4.37
N SER A 120 -9.22 -19.92 -4.59
CA SER A 120 -9.83 -18.60 -4.80
C SER A 120 -10.29 -17.97 -3.50
N HIS A 121 -10.09 -18.65 -2.38
CA HIS A 121 -10.54 -18.10 -1.12
CA HIS A 121 -10.46 -18.17 -1.05
C HIS A 121 -9.69 -16.87 -0.74
N PRO A 122 -10.34 -15.84 -0.19
CA PRO A 122 -9.61 -14.61 0.11
C PRO A 122 -8.62 -14.81 1.25
N LEU A 123 -7.56 -14.02 1.22
CA LEU A 123 -6.54 -14.02 2.27
C LEU A 123 -6.17 -12.57 2.57
N LEU A 124 -5.75 -12.32 3.82
CA LEU A 124 -5.38 -10.98 4.25
C LEU A 124 -4.02 -11.06 4.92
N ALA A 125 -3.05 -10.28 4.41
CA ALA A 125 -1.72 -10.20 5.01
C ALA A 125 -1.64 -8.95 5.86
N VAL A 126 -1.08 -9.08 7.07
CA VAL A 126 -0.94 -7.94 7.98
C VAL A 126 0.48 -7.94 8.56
N ALA A 127 0.96 -6.75 8.93
CA ALA A 127 2.28 -6.65 9.53
C ALA A 127 2.40 -5.28 10.20
N GLY A 128 3.39 -5.18 11.08
CA GLY A 128 3.67 -3.91 11.73
C GLY A 128 4.97 -3.88 12.50
N SER A 129 4.90 -3.36 13.73
CA SER A 129 6.13 -3.00 14.43
CA SER A 129 6.10 -3.01 14.47
C SER A 129 6.98 -4.21 14.80
N ARG A 130 6.36 -5.39 14.98
CA ARG A 130 7.16 -6.56 15.33
C ARG A 130 7.92 -7.15 14.14
N GLY A 131 7.60 -6.72 12.92
CA GLY A 131 8.32 -7.22 11.77
C GLY A 131 7.95 -8.63 11.38
N ILE A 132 6.75 -9.08 11.75
CA ILE A 132 6.24 -10.41 11.41
C ILE A 132 5.08 -10.23 10.43
N ILE A 133 5.13 -10.93 9.32
CA ILE A 133 4.02 -10.96 8.37
C ILE A 133 3.10 -12.10 8.78
N ARG A 134 1.81 -11.80 8.94
CA ARG A 134 0.82 -12.81 9.23
C ARG A 134 -0.15 -12.92 8.06
N ILE A 135 -0.43 -14.14 7.64
CA ILE A 135 -1.43 -14.42 6.61
C ILE A 135 -2.67 -14.92 7.32
N ILE A 136 -3.77 -14.15 7.23
CA ILE A 136 -4.97 -14.40 8.01
CA ILE A 136 -4.98 -14.39 8.00
C ILE A 136 -6.06 -14.95 7.08
N ASN A 137 -6.76 -15.98 7.54
CA ASN A 137 -7.95 -16.46 6.85
C ASN A 137 -9.07 -15.52 7.27
N PRO A 138 -9.59 -14.68 6.37
CA PRO A 138 -10.57 -13.67 6.82
C PRO A 138 -11.91 -14.26 7.22
N ILE A 139 -12.23 -15.49 6.80
CA ILE A 139 -13.48 -16.12 7.21
CA ILE A 139 -13.48 -16.10 7.21
C ILE A 139 -13.48 -16.37 8.71
N THR A 140 -12.44 -17.05 9.20
CA THR A 140 -12.33 -17.46 10.59
C THR A 140 -11.41 -16.56 11.41
N MET A 141 -10.68 -15.66 10.75
CA MET A 141 -9.64 -14.81 11.33
C MET A 141 -8.52 -15.63 11.96
N GLN A 142 -8.35 -16.88 11.52
CA GLN A 142 -7.19 -17.68 11.92
C GLN A 142 -5.92 -17.20 11.25
N CYS A 143 -4.82 -17.17 12.01
CA CYS A 143 -3.52 -16.97 11.38
C CYS A 143 -3.10 -18.30 10.74
N ILE A 144 -2.92 -18.29 9.42
CA ILE A 144 -2.60 -19.49 8.66
C ILE A 144 -1.11 -19.77 8.63
N LYS A 145 -0.30 -18.72 8.49
CA LYS A 145 1.14 -18.85 8.57
C LYS A 145 1.72 -17.47 8.77
N HIS A 146 3.00 -17.42 9.11
CA HIS A 146 3.67 -16.15 9.34
C HIS A 146 5.10 -16.20 8.80
N TYR A 147 5.64 -15.03 8.48
CA TYR A 147 6.99 -14.92 7.93
C TYR A 147 7.81 -13.95 8.78
N VAL A 148 9.03 -14.34 9.09
CA VAL A 148 9.96 -13.46 9.79
C VAL A 148 11.18 -13.28 8.90
N GLY A 149 11.81 -12.13 9.02
CA GLY A 149 13.06 -11.90 8.31
C GLY A 149 13.53 -10.48 8.52
N HIS A 150 12.63 -9.52 8.33
CA HIS A 150 12.97 -8.11 8.50
C HIS A 150 13.57 -7.87 9.87
N GLY A 151 14.63 -7.07 9.89
CA GLY A 151 15.31 -6.72 11.13
C GLY A 151 14.53 -5.75 11.98
N ASN A 152 13.32 -5.40 11.56
CA ASN A 152 12.57 -4.38 12.28
C ASN A 152 11.17 -4.29 11.69
N ALA A 153 10.48 -3.21 12.05
CA ALA A 153 9.08 -3.01 11.69
C ALA A 153 8.88 -3.06 10.19
N ILE A 154 7.69 -3.51 9.80
CA ILE A 154 7.25 -3.50 8.41
C ILE A 154 6.27 -2.34 8.24
N ASN A 155 6.55 -1.47 7.27
CA ASN A 155 5.76 -0.25 7.08
C ASN A 155 4.71 -0.37 5.99
N GLU A 156 4.88 -1.30 5.05
CA GLU A 156 3.86 -1.49 4.04
C GLU A 156 3.98 -2.89 3.44
N LEU A 157 2.83 -3.44 3.06
CA LEU A 157 2.70 -4.68 2.32
C LEU A 157 1.96 -4.42 1.02
N LYS A 158 2.40 -5.06 -0.07
CA LYS A 158 1.70 -4.95 -1.35
C LYS A 158 1.78 -6.29 -2.07
N PHE A 159 0.66 -6.71 -2.66
CA PHE A 159 0.67 -7.90 -3.50
C PHE A 159 0.88 -7.55 -4.97
N HIS A 160 1.63 -8.40 -5.66
CA HIS A 160 1.87 -8.25 -7.09
C HIS A 160 0.53 -8.17 -7.83
N PRO A 161 0.39 -7.26 -8.81
CA PRO A 161 -0.91 -7.06 -9.45
C PRO A 161 -1.34 -8.21 -10.35
N ARG A 162 -0.42 -9.07 -10.79
CA ARG A 162 -0.75 -10.20 -11.66
C ARG A 162 -0.56 -11.55 -10.99
N ASP A 163 0.14 -11.61 -9.87
CA ASP A 163 0.44 -12.90 -9.23
C ASP A 163 0.04 -12.82 -7.76
N PRO A 164 -1.01 -13.53 -7.35
CA PRO A 164 -1.50 -13.38 -5.97
C PRO A 164 -0.57 -13.95 -4.92
N ASN A 165 0.47 -14.70 -5.33
CA ASN A 165 1.40 -15.29 -4.38
C ASN A 165 2.60 -14.40 -4.04
N LEU A 166 2.83 -13.32 -4.77
CA LEU A 166 4.07 -12.55 -4.59
C LEU A 166 3.78 -11.33 -3.72
N LEU A 167 4.35 -11.32 -2.53
CA LEU A 167 4.07 -10.30 -1.52
C LEU A 167 5.33 -9.47 -1.30
N LEU A 168 5.18 -8.14 -1.38
CA LEU A 168 6.30 -7.22 -1.16
C LEU A 168 6.16 -6.59 0.21
N SER A 169 7.25 -6.60 1.00
CA SER A 169 7.25 -5.90 2.28
C SER A 169 8.35 -4.85 2.29
N VAL A 170 8.11 -3.71 2.95
CA VAL A 170 9.14 -2.70 3.09
C VAL A 170 9.34 -2.42 4.57
N SER A 171 10.60 -2.20 4.97
CA SER A 171 10.92 -2.29 6.39
C SER A 171 11.77 -1.14 6.89
N LYS A 172 11.65 -0.96 8.22
CA LYS A 172 12.50 -0.08 8.99
C LYS A 172 13.97 -0.46 8.88
N ASP A 173 14.28 -1.70 8.46
CA ASP A 173 15.68 -2.11 8.36
C ASP A 173 16.33 -1.69 7.05
N HIS A 174 15.66 -0.83 6.28
CA HIS A 174 16.13 -0.18 5.05
C HIS A 174 15.96 -1.06 3.81
N ALA A 175 15.33 -2.23 3.91
CA ALA A 175 15.25 -3.13 2.78
C ALA A 175 13.79 -3.39 2.40
N LEU A 176 13.60 -3.81 1.15
CA LEU A 176 12.37 -4.44 0.70
C LEU A 176 12.61 -5.93 0.55
N ARG A 177 11.55 -6.71 0.74
CA ARG A 177 11.64 -8.16 0.57
CA ARG A 177 11.64 -8.16 0.57
C ARG A 177 10.46 -8.65 -0.26
N LEU A 178 10.75 -9.55 -1.19
CA LEU A 178 9.74 -10.15 -2.04
C LEU A 178 9.57 -11.61 -1.63
N TRP A 179 8.37 -11.98 -1.23
CA TRP A 179 8.07 -13.32 -0.74
C TRP A 179 7.16 -14.04 -1.73
N ASN A 180 7.33 -15.36 -1.82
CA ASN A 180 6.39 -16.22 -2.54
C ASN A 180 5.60 -16.98 -1.49
N ILE A 181 4.32 -16.60 -1.27
CA ILE A 181 3.58 -17.24 -0.18
C ILE A 181 2.94 -18.56 -0.61
N GLN A 182 3.19 -19.01 -1.84
CA GLN A 182 2.79 -20.35 -2.23
C GLN A 182 3.80 -21.38 -1.73
N THR A 183 5.09 -21.10 -1.89
CA THR A 183 6.15 -22.01 -1.48
C THR A 183 6.86 -21.56 -0.22
N ASP A 184 6.41 -20.45 0.39
CA ASP A 184 6.98 -19.92 1.63
C ASP A 184 8.47 -19.62 1.50
N THR A 185 8.83 -18.93 0.41
CA THR A 185 10.21 -18.63 0.07
C THR A 185 10.44 -17.13 0.05
N LEU A 186 11.63 -16.72 0.48
CA LEU A 186 12.06 -15.34 0.29
C LEU A 186 12.75 -15.27 -1.07
N VAL A 187 12.11 -14.60 -2.02
CA VAL A 187 12.64 -14.57 -3.39
C VAL A 187 13.83 -13.63 -3.50
N ALA A 188 13.73 -12.43 -2.92
CA ALA A 188 14.76 -11.43 -3.10
C ALA A 188 14.70 -10.42 -1.96
N ILE A 189 15.87 -9.84 -1.66
CA ILE A 189 16.00 -8.71 -0.74
C ILE A 189 16.60 -7.54 -1.51
N PHE A 190 15.97 -6.37 -1.42
CA PHE A 190 16.39 -5.19 -2.16
C PHE A 190 17.00 -4.20 -1.17
N GLY A 191 18.32 -4.03 -1.23
CA GLY A 191 19.01 -3.19 -0.26
C GLY A 191 20.43 -2.83 -0.64
N GLY A 192 21.38 -2.97 0.29
CA GLY A 192 22.78 -2.66 0.04
C GLY A 192 23.07 -1.18 0.19
N VAL A 193 24.35 -0.82 0.03
CA VAL A 193 24.72 0.57 0.28
C VAL A 193 24.11 1.51 -0.75
N GLU A 194 23.80 1.01 -1.95
CA GLU A 194 23.12 1.85 -2.93
C GLU A 194 21.61 1.68 -2.88
N GLY A 195 21.10 0.83 -2.00
CA GLY A 195 19.69 0.84 -1.69
C GLY A 195 19.36 1.97 -0.72
N HIS A 196 18.18 1.89 -0.13
CA HIS A 196 17.79 2.91 0.83
C HIS A 196 18.76 2.94 2.01
N ARG A 197 19.00 4.15 2.53
CA ARG A 197 19.93 4.36 3.64
C ARG A 197 19.20 4.69 4.94
N ASP A 198 17.87 4.58 4.95
CA ASP A 198 17.05 4.77 6.15
C ASP A 198 15.77 3.98 5.94
N GLU A 199 14.84 4.09 6.90
CA GLU A 199 13.62 3.29 6.87
C GLU A 199 12.88 3.43 5.55
N VAL A 200 12.42 2.31 5.00
CA VAL A 200 11.57 2.35 3.81
C VAL A 200 10.12 2.44 4.27
N LEU A 201 9.37 3.38 3.70
CA LEU A 201 8.03 3.66 4.17
C LEU A 201 6.92 3.18 3.24
N SER A 202 7.19 3.07 1.94
CA SER A 202 6.14 2.72 1.00
C SER A 202 6.79 2.13 -0.24
N ALA A 203 6.00 1.37 -1.00
CA ALA A 203 6.43 0.93 -2.32
C ALA A 203 5.20 0.55 -3.13
N ASP A 204 5.39 0.45 -4.45
CA ASP A 204 4.27 0.12 -5.32
C ASP A 204 4.79 -0.58 -6.56
N TYR A 205 4.06 -1.60 -7.00
CA TYR A 205 4.30 -2.22 -8.30
C TYR A 205 3.68 -1.39 -9.41
N ASP A 206 4.29 -1.44 -10.60
CA ASP A 206 3.61 -0.86 -11.74
C ASP A 206 2.50 -1.78 -12.22
N LEU A 207 1.84 -1.37 -13.32
CA LEU A 207 0.65 -2.04 -13.84
C LEU A 207 0.85 -3.53 -14.01
N LEU A 208 1.92 -3.93 -14.69
CA LEU A 208 2.15 -5.33 -15.00
C LEU A 208 2.99 -6.04 -13.96
N GLY A 209 3.41 -5.34 -12.91
CA GLY A 209 4.30 -5.95 -11.94
C GLY A 209 5.68 -6.23 -12.49
N GLU A 210 6.15 -5.41 -13.43
CA GLU A 210 7.50 -5.53 -13.98
C GLU A 210 8.53 -4.71 -13.21
N LYS A 211 8.09 -3.74 -12.40
CA LYS A 211 9.03 -2.93 -11.63
C LYS A 211 8.34 -2.40 -10.38
N ILE A 212 9.16 -1.96 -9.44
CA ILE A 212 8.73 -1.47 -8.13
C ILE A 212 9.35 -0.10 -7.95
N MET A 213 8.58 0.85 -7.41
CA MET A 213 9.17 2.09 -6.91
C MET A 213 9.00 2.10 -5.40
N SER A 214 10.07 2.42 -4.68
CA SER A 214 10.07 2.46 -3.22
C SER A 214 10.48 3.85 -2.76
N CYS A 215 10.17 4.17 -1.51
CA CYS A 215 10.51 5.48 -0.98
C CYS A 215 10.61 5.40 0.55
N GLY A 216 11.30 6.38 1.14
CA GLY A 216 11.35 6.39 2.59
C GLY A 216 12.02 7.57 3.25
N MET A 217 12.57 7.32 4.44
CA MET A 217 13.11 8.38 5.28
C MET A 217 14.38 9.00 4.74
N ASP A 218 15.03 8.38 3.75
CA ASP A 218 16.23 9.00 3.20
C ASP A 218 15.90 10.03 2.13
N HIS A 219 14.62 10.39 2.00
CA HIS A 219 14.08 11.35 1.04
C HIS A 219 14.10 10.84 -0.40
N SER A 220 14.49 9.60 -0.63
CA SER A 220 14.71 9.14 -1.98
C SER A 220 13.56 8.25 -2.47
N LEU A 221 13.43 8.20 -3.79
CA LEU A 221 12.57 7.25 -4.47
C LEU A 221 13.45 6.39 -5.37
N LYS A 222 13.28 5.07 -5.32
CA LYS A 222 14.16 4.15 -6.02
C LYS A 222 13.36 3.15 -6.85
N LEU A 223 13.84 2.89 -8.07
CA LEU A 223 13.21 1.96 -8.99
C LEU A 223 13.95 0.64 -8.95
N TRP A 224 13.20 -0.46 -8.89
CA TRP A 224 13.75 -1.81 -8.90
C TRP A 224 13.01 -2.61 -9.95
N ARG A 225 13.71 -3.00 -11.03
CA ARG A 225 13.06 -3.82 -12.04
C ARG A 225 13.04 -5.28 -11.62
N ILE A 226 11.87 -5.92 -11.72
CA ILE A 226 11.77 -7.33 -11.38
C ILE A 226 11.43 -8.18 -12.60
N ASN A 227 11.55 -7.62 -13.80
CA ASN A 227 11.45 -8.39 -15.03
C ASN A 227 12.81 -8.62 -15.69
N SER A 228 13.89 -8.40 -14.94
CA SER A 228 15.20 -8.82 -15.42
C SER A 228 15.26 -10.33 -15.55
N LYS A 229 16.21 -10.80 -16.38
CA LYS A 229 16.42 -12.24 -16.48
C LYS A 229 16.69 -12.85 -15.12
N ARG A 230 17.48 -12.16 -14.29
CA ARG A 230 17.83 -12.68 -12.97
C ARG A 230 16.60 -12.79 -12.07
N MET A 231 15.74 -11.77 -12.07
CA MET A 231 14.59 -11.82 -11.16
C MET A 231 13.51 -12.76 -11.69
N MET A 232 13.30 -12.82 -13.01
CA MET A 232 12.33 -13.78 -13.53
C MET A 232 12.77 -15.20 -13.23
N ASN A 233 14.07 -15.47 -13.34
CA ASN A 233 14.58 -16.80 -13.00
C ASN A 233 14.39 -17.09 -11.52
N ALA A 234 14.63 -16.10 -10.66
CA ALA A 234 14.47 -16.29 -9.23
C ALA A 234 13.02 -16.61 -8.88
N ILE A 235 12.07 -15.92 -9.50
CA ILE A 235 10.67 -16.20 -9.25
C ILE A 235 10.31 -17.61 -9.71
N LYS A 236 10.79 -18.01 -10.90
CA LYS A 236 10.53 -19.36 -11.39
C LYS A 236 11.08 -20.40 -10.42
N GLU A 237 12.32 -20.20 -9.96
CA GLU A 237 12.90 -21.15 -9.02
C GLU A 237 12.13 -21.19 -7.71
N SER A 238 11.59 -20.04 -7.27
CA SER A 238 10.84 -20.06 -6.02
C SER A 238 9.60 -20.93 -6.13
N TYR A 239 8.98 -20.97 -7.32
CA TYR A 239 7.82 -21.83 -7.49
C TYR A 239 8.21 -23.31 -7.57
N ASP A 240 9.42 -23.60 -8.01
CA ASP A 240 9.88 -24.98 -8.12
CA ASP A 240 9.88 -24.97 -8.12
C ASP A 240 10.45 -25.52 -6.83
N TYR A 241 10.48 -24.71 -5.76
CA TYR A 241 11.13 -25.10 -4.52
C TYR A 241 10.17 -25.80 -3.58
N ASN A 242 10.57 -26.98 -3.13
CA ASN A 242 9.82 -27.73 -2.15
C ASN A 242 10.84 -28.32 -1.19
N PRO A 243 10.95 -27.82 0.04
CA PRO A 243 12.02 -28.27 0.94
C PRO A 243 11.92 -29.75 1.28
N ASN A 244 10.76 -30.37 1.08
CA ASN A 244 10.62 -31.79 1.33
C ASN A 244 11.20 -32.65 0.20
N LYS A 245 11.50 -32.08 -0.96
CA LYS A 245 11.98 -32.84 -2.09
C LYS A 245 13.43 -32.56 -2.44
N THR A 246 14.15 -31.82 -1.60
CA THR A 246 15.50 -31.42 -1.93
C THR A 246 16.30 -31.22 -0.65
N ASN A 247 17.61 -31.08 -0.81
CA ASN A 247 18.50 -30.82 0.33
C ASN A 247 18.90 -29.35 0.44
N ARG A 248 18.75 -28.59 -0.62
CA ARG A 248 19.25 -27.22 -0.61
C ARG A 248 18.28 -26.30 0.13
N PRO A 249 18.79 -25.27 0.79
CA PRO A 249 17.93 -24.14 1.16
C PRO A 249 17.60 -23.35 -0.10
N PHE A 250 16.54 -22.57 -0.04
CA PHE A 250 16.26 -21.68 -1.16
C PHE A 250 17.16 -20.46 -1.07
N ILE A 251 17.86 -20.14 -2.16
CA ILE A 251 18.76 -18.98 -2.19
C ILE A 251 17.95 -17.74 -2.57
N SER A 252 17.98 -16.72 -1.71
CA SER A 252 17.35 -15.45 -2.04
C SER A 252 18.33 -14.58 -2.83
N GLN A 253 17.80 -13.83 -3.81
CA GLN A 253 18.62 -12.85 -4.49
C GLN A 253 18.91 -11.68 -3.55
N LYS A 254 20.14 -11.18 -3.59
CA LYS A 254 20.44 -9.90 -2.97
C LYS A 254 20.59 -8.89 -4.09
N ILE A 255 19.64 -7.96 -4.16
CA ILE A 255 19.61 -6.93 -5.20
C ILE A 255 20.13 -5.65 -4.55
N HIS A 256 21.34 -5.25 -4.90
CA HIS A 256 22.01 -4.14 -4.22
C HIS A 256 22.07 -2.86 -5.02
N PHE A 257 21.50 -2.83 -6.22
CA PHE A 257 21.58 -1.63 -7.05
C PHE A 257 20.22 -1.33 -7.67
N PRO A 258 19.60 -0.22 -7.32
CA PRO A 258 18.35 0.17 -7.99
C PRO A 258 18.62 0.60 -9.42
N ASP A 259 17.56 0.52 -10.23
CA ASP A 259 17.63 0.89 -11.64
C ASP A 259 17.44 2.38 -11.88
N PHE A 260 17.13 3.14 -10.83
CA PHE A 260 16.96 4.59 -10.87
C PHE A 260 16.83 5.06 -9.44
N SER A 261 17.29 6.27 -9.17
CA SER A 261 17.15 6.85 -7.84
C SER A 261 17.11 8.37 -7.94
N THR A 262 16.23 8.99 -7.16
CA THR A 262 16.21 10.45 -7.09
C THR A 262 15.94 10.90 -5.67
N ARG A 263 16.56 12.02 -5.31
CA ARG A 263 16.21 12.74 -4.08
C ARG A 263 15.75 14.16 -4.39
N ASP A 264 15.28 14.41 -5.62
CA ASP A 264 15.00 15.76 -6.07
CA ASP A 264 15.00 15.76 -6.08
C ASP A 264 13.51 16.07 -6.14
N ILE A 265 12.66 15.23 -5.56
CA ILE A 265 11.21 15.43 -5.57
C ILE A 265 10.71 16.05 -4.27
N HIS A 266 11.14 15.50 -3.14
CA HIS A 266 10.70 15.95 -1.82
C HIS A 266 11.91 16.32 -0.98
N ARG A 267 11.66 17.07 0.10
CA ARG A 267 12.74 17.48 1.00
C ARG A 267 12.50 16.97 2.42
N ASN A 268 11.77 15.87 2.57
CA ASN A 268 11.51 15.27 3.87
C ASN A 268 11.15 13.80 3.63
N TYR A 269 10.75 13.10 4.70
CA TYR A 269 10.38 11.68 4.57
C TYR A 269 9.34 11.49 3.47
N VAL A 270 9.59 10.54 2.58
CA VAL A 270 8.63 10.22 1.52
C VAL A 270 7.82 9.02 2.01
N ASP A 271 6.54 9.22 2.33
CA ASP A 271 5.80 8.18 3.03
C ASP A 271 4.70 7.52 2.20
N CYS A 272 4.58 7.85 0.91
CA CYS A 272 3.61 7.14 0.08
C CYS A 272 3.97 7.31 -1.39
N VAL A 273 3.95 6.22 -2.15
CA VAL A 273 4.26 6.26 -3.58
C VAL A 273 3.31 5.32 -4.31
N ARG A 274 2.87 5.72 -5.51
CA ARG A 274 2.03 4.89 -6.36
C ARG A 274 2.37 5.19 -7.82
N TRP A 275 2.29 4.16 -8.66
CA TRP A 275 2.39 4.36 -10.10
C TRP A 275 1.06 4.87 -10.64
N LEU A 276 1.15 5.77 -11.63
CA LEU A 276 -0.01 6.16 -12.43
C LEU A 276 0.43 5.98 -13.88
N GLY A 277 0.17 4.80 -14.44
CA GLY A 277 0.76 4.45 -15.72
C GLY A 277 2.28 4.40 -15.59
N ASP A 278 2.96 5.10 -16.48
CA ASP A 278 4.41 5.22 -16.40
C ASP A 278 4.87 6.38 -15.53
N LEU A 279 3.94 7.13 -14.94
CA LEU A 279 4.27 8.24 -14.04
C LEU A 279 4.21 7.78 -12.59
N ILE A 280 4.74 8.63 -11.71
CA ILE A 280 4.79 8.37 -10.28
C ILE A 280 4.02 9.46 -9.56
N LEU A 281 3.23 9.07 -8.57
CA LEU A 281 2.67 9.98 -7.58
C LEU A 281 3.36 9.70 -6.25
N SER A 282 3.86 10.74 -5.60
CA SER A 282 4.48 10.52 -4.29
C SER A 282 4.26 11.75 -3.41
N LYS A 283 4.24 11.53 -2.09
CA LYS A 283 4.09 12.62 -1.15
C LYS A 283 5.08 12.51 -0.01
N SER A 284 5.34 13.65 0.60
CA SER A 284 6.08 13.77 1.84
C SER A 284 5.15 14.45 2.83
N CYS A 285 5.71 15.15 3.82
CA CYS A 285 4.89 15.88 4.78
C CYS A 285 4.85 17.37 4.47
N GLU A 286 4.93 17.72 3.19
CA GLU A 286 5.05 19.10 2.75
C GLU A 286 3.77 19.59 2.06
N ASN A 287 2.64 18.95 2.36
CA ASN A 287 1.31 19.37 1.89
C ASN A 287 1.20 19.30 0.38
N ALA A 288 1.79 18.27 -0.22
CA ALA A 288 1.75 18.12 -1.67
C ALA A 288 1.95 16.67 -2.07
N ILE A 289 1.17 16.25 -3.07
CA ILE A 289 1.46 15.05 -3.86
C ILE A 289 2.06 15.53 -5.17
N VAL A 290 3.25 15.03 -5.51
CA VAL A 290 3.94 15.42 -6.74
C VAL A 290 3.73 14.33 -7.78
N CYS A 291 3.42 14.72 -9.02
CA CYS A 291 3.38 13.79 -10.14
C CYS A 291 4.64 14.01 -10.98
N TRP A 292 5.44 12.97 -11.15
CA TRP A 292 6.75 13.14 -11.77
C TRP A 292 7.11 11.86 -12.54
N LYS A 293 8.18 11.96 -13.33
CA LYS A 293 8.73 10.80 -14.01
C LYS A 293 10.24 10.87 -14.04
N PRO A 294 10.92 9.71 -14.02
CA PRO A 294 12.37 9.70 -14.25
C PRO A 294 12.70 10.22 -15.63
N GLY A 295 13.84 10.89 -15.72
CA GLY A 295 14.33 11.37 -17.00
C GLY A 295 13.62 12.63 -17.48
N LYS A 296 13.88 12.95 -18.74
CA LYS A 296 13.29 14.12 -19.38
C LYS A 296 11.90 13.77 -19.89
N MET A 297 11.20 14.79 -20.40
CA MET A 297 9.78 14.66 -20.71
C MET A 297 9.50 13.46 -21.61
N GLU A 298 10.29 13.29 -22.67
CA GLU A 298 10.01 12.27 -23.67
C GLU A 298 10.81 10.99 -23.45
N ASP A 299 11.37 10.78 -22.27
CA ASP A 299 12.15 9.57 -21.99
C ASP A 299 11.23 8.42 -21.59
N ASP A 300 11.32 7.31 -22.31
CA ASP A 300 10.57 6.09 -21.99
C ASP A 300 11.09 5.49 -20.68
N ILE A 301 10.16 5.15 -19.78
CA ILE A 301 10.54 4.60 -18.47
C ILE A 301 11.39 3.36 -18.61
N ASP A 302 11.20 2.58 -19.68
CA ASP A 302 11.99 1.36 -19.83
C ASP A 302 13.31 1.59 -20.55
N LYS A 303 13.60 2.83 -20.98
CA LYS A 303 14.93 3.20 -21.47
C LYS A 303 15.77 3.90 -20.40
N ILE A 304 15.20 4.16 -19.23
CA ILE A 304 15.91 4.86 -18.16
C ILE A 304 17.06 4.01 -17.65
N LYS A 305 18.27 4.59 -17.63
CA LYS A 305 19.48 3.94 -17.14
C LYS A 305 19.71 4.29 -15.67
N PRO A 306 20.38 3.40 -14.92
CA PRO A 306 20.59 3.67 -13.48
C PRO A 306 21.29 4.99 -13.19
N SER A 307 22.09 5.51 -14.12
CA SER A 307 22.81 6.77 -13.92
C SER A 307 21.96 8.00 -14.21
N GLU A 308 20.71 7.84 -14.64
CA GLU A 308 19.88 8.97 -15.05
C GLU A 308 19.79 10.02 -13.94
N SER A 309 20.17 11.26 -14.26
CA SER A 309 20.21 12.31 -13.24
CA SER A 309 20.22 12.33 -13.26
C SER A 309 19.02 13.25 -13.27
N ASN A 310 18.16 13.16 -14.27
CA ASN A 310 17.04 14.09 -14.40
C ASN A 310 15.72 13.47 -13.98
N VAL A 311 14.80 14.34 -13.55
CA VAL A 311 13.39 14.01 -13.35
C VAL A 311 12.59 15.11 -14.01
N THR A 312 11.32 14.82 -14.27
CA THR A 312 10.39 15.78 -14.86
C THR A 312 9.15 15.86 -13.99
N ILE A 313 8.76 17.06 -13.58
CA ILE A 313 7.59 17.26 -12.75
CA ILE A 313 7.58 17.28 -12.74
C ILE A 313 6.41 17.62 -13.64
N LEU A 314 5.36 16.80 -13.60
CA LEU A 314 4.19 16.95 -14.45
C LEU A 314 3.02 17.63 -13.75
N GLY A 315 3.13 17.83 -12.45
CA GLY A 315 2.09 18.54 -11.72
C GLY A 315 2.28 18.32 -10.25
N ARG A 316 1.49 19.05 -9.48
CA ARG A 316 1.55 18.90 -8.03
C ARG A 316 0.19 19.25 -7.46
N PHE A 317 -0.34 18.35 -6.62
CA PHE A 317 -1.63 18.54 -5.97
C PHE A 317 -1.38 19.00 -4.55
N ASP A 318 -1.65 20.27 -4.27
CA ASP A 318 -1.47 20.83 -2.94
C ASP A 318 -2.74 20.66 -2.11
N TYR A 319 -2.55 20.66 -0.80
CA TYR A 319 -3.64 20.59 0.17
C TYR A 319 -3.15 21.26 1.44
N SER A 320 -3.92 21.17 2.52
CA SER A 320 -3.59 21.87 3.75
C SER A 320 -3.54 20.90 4.93
N GLN A 321 -2.75 21.29 5.93
CA GLN A 321 -2.75 20.65 7.26
C GLN A 321 -2.52 19.14 7.18
N CYS A 322 -1.52 18.74 6.42
CA CYS A 322 -1.13 17.33 6.34
C CYS A 322 0.41 17.27 6.38
N ASP A 323 0.97 17.80 7.46
CA ASP A 323 2.42 17.96 7.59
C ASP A 323 3.02 17.06 8.66
N ILE A 324 2.29 16.04 9.12
CA ILE A 324 2.83 15.04 10.03
C ILE A 324 3.23 13.83 9.21
N TRP A 325 4.14 13.03 9.78
CA TRP A 325 4.62 11.83 9.09
C TRP A 325 3.56 10.72 9.16
N TYR A 326 3.60 9.84 8.15
CA TYR A 326 2.82 8.60 8.08
C TYR A 326 1.35 8.84 7.75
N MET A 327 1.10 9.39 6.56
CA MET A 327 -0.25 9.61 6.03
C MET A 327 -0.27 9.11 4.61
N ARG A 328 -1.21 8.21 4.28
CA ARG A 328 -1.23 7.55 2.99
C ARG A 328 -2.33 8.11 2.09
N PHE A 329 -2.05 8.20 0.80
CA PHE A 329 -3.10 8.44 -0.19
C PHE A 329 -3.43 7.13 -0.90
N SER A 330 -4.62 7.07 -1.49
CA SER A 330 -5.08 5.84 -2.13
CA SER A 330 -5.07 5.84 -2.14
C SER A 330 -5.77 6.18 -3.44
N MET A 331 -5.78 5.22 -4.35
CA MET A 331 -6.50 5.33 -5.62
C MET A 331 -7.54 4.22 -5.68
N ASP A 332 -8.56 4.43 -6.51
CA ASP A 332 -9.53 3.39 -6.74
C ASP A 332 -8.96 2.35 -7.71
N PHE A 333 -9.77 1.30 -7.95
CA PHE A 333 -9.28 0.17 -8.75
C PHE A 333 -8.89 0.62 -10.16
N TRP A 334 -9.73 1.43 -10.79
CA TRP A 334 -9.48 1.86 -12.17
C TRP A 334 -8.50 3.02 -12.28
N GLN A 335 -8.11 3.62 -11.15
CA GLN A 335 -7.19 4.77 -11.10
C GLN A 335 -7.81 5.99 -11.76
N LYS A 336 -9.12 6.12 -11.59
CA LYS A 336 -9.86 7.31 -11.95
C LYS A 336 -9.80 8.37 -10.87
N MET A 337 -9.58 7.97 -9.62
CA MET A 337 -9.66 8.89 -8.49
C MET A 337 -8.53 8.63 -7.50
N LEU A 338 -8.21 9.69 -6.75
CA LEU A 338 -7.17 9.70 -5.72
C LEU A 338 -7.74 10.35 -4.47
N ALA A 339 -7.49 9.76 -3.29
CA ALA A 339 -7.98 10.35 -2.04
C ALA A 339 -6.86 10.43 -1.00
N LEU A 340 -6.91 11.48 -0.19
CA LEU A 340 -5.98 11.70 0.91
C LEU A 340 -6.72 12.42 2.04
N GLY A 341 -6.50 11.97 3.27
CA GLY A 341 -7.02 12.69 4.41
C GLY A 341 -5.93 13.52 5.07
N ASN A 342 -6.32 14.56 5.80
CA ASN A 342 -5.32 15.40 6.46
C ASN A 342 -5.41 15.25 7.99
N GLN A 343 -4.60 16.03 8.71
CA GLN A 343 -4.45 15.76 10.13
C GLN A 343 -5.59 16.35 10.97
N VAL A 344 -6.57 17.01 10.35
CA VAL A 344 -7.73 17.52 11.08
C VAL A 344 -9.03 17.00 10.50
N GLY A 345 -8.97 15.89 9.77
CA GLY A 345 -10.18 15.15 9.41
C GLY A 345 -10.85 15.56 8.11
N LYS A 346 -10.15 16.30 7.25
CA LYS A 346 -10.68 16.69 5.95
C LYS A 346 -10.17 15.72 4.90
N LEU A 347 -11.06 15.35 3.97
CA LEU A 347 -10.72 14.48 2.84
C LEU A 347 -10.57 15.30 1.57
N TYR A 348 -9.51 15.02 0.81
CA TYR A 348 -9.34 15.56 -0.53
C TYR A 348 -9.50 14.43 -1.52
N VAL A 349 -10.27 14.64 -2.57
CA VAL A 349 -10.48 13.63 -3.60
C VAL A 349 -10.21 14.28 -4.95
N TRP A 350 -9.28 13.71 -5.72
CA TRP A 350 -8.94 14.24 -7.04
C TRP A 350 -9.47 13.32 -8.13
N ASP A 351 -10.16 13.91 -9.09
CA ASP A 351 -10.60 13.23 -10.31
C ASP A 351 -9.45 13.24 -11.31
N LEU A 352 -8.91 12.05 -11.62
CA LEU A 352 -7.78 11.94 -12.53
C LEU A 352 -8.21 11.70 -13.98
N GLU A 353 -9.52 11.70 -14.25
CA GLU A 353 -10.05 11.44 -15.58
CA GLU A 353 -10.03 11.43 -15.60
C GLU A 353 -9.97 12.71 -16.44
N VAL A 354 -8.73 13.15 -16.69
CA VAL A 354 -8.42 14.36 -17.43
C VAL A 354 -7.20 14.10 -18.30
N GLU A 355 -6.95 14.99 -19.25
CA GLU A 355 -5.98 14.70 -20.31
C GLU A 355 -4.53 14.73 -19.80
N ASP A 356 -4.24 15.48 -18.75
CA ASP A 356 -2.89 15.54 -18.20
C ASP A 356 -2.97 15.60 -16.69
N PRO A 357 -1.93 15.16 -15.99
CA PRO A 357 -2.02 15.10 -14.51
C PRO A 357 -2.34 16.43 -13.85
N HIS A 358 -1.74 17.53 -14.32
CA HIS A 358 -1.95 18.80 -13.61
C HIS A 358 -3.37 19.35 -13.79
N LYS A 359 -4.21 18.72 -14.60
CA LYS A 359 -5.59 19.15 -14.76
C LYS A 359 -6.56 18.45 -13.81
N ALA A 360 -6.04 17.65 -12.88
CA ALA A 360 -6.91 16.91 -11.97
C ALA A 360 -7.86 17.85 -11.24
N LYS A 361 -9.09 17.38 -11.03
CA LYS A 361 -10.16 18.16 -10.41
C LYS A 361 -10.32 17.72 -8.96
N CYS A 362 -10.21 18.67 -8.04
CA CYS A 362 -10.24 18.36 -6.61
C CYS A 362 -11.59 18.68 -6.01
N THR A 363 -12.07 17.80 -5.13
CA THR A 363 -13.20 18.11 -4.26
CA THR A 363 -13.21 18.08 -4.27
C THR A 363 -12.84 17.74 -2.84
N THR A 364 -13.48 18.39 -1.89
CA THR A 364 -13.16 18.16 -0.49
C THR A 364 -14.41 17.73 0.26
N LEU A 365 -14.20 16.87 1.26
CA LEU A 365 -15.28 16.30 2.07
C LEU A 365 -14.96 16.53 3.54
N THR A 366 -15.87 17.16 4.26
CA THR A 366 -15.72 17.42 5.69
C THR A 366 -17.02 17.07 6.40
N HIS A 367 -16.88 16.71 7.68
CA HIS A 367 -18.02 16.50 8.57
C HIS A 367 -17.67 17.15 9.91
N HIS A 368 -18.64 17.84 10.51
CA HIS A 368 -18.33 18.61 11.70
C HIS A 368 -17.93 17.75 12.89
N LYS A 369 -18.19 16.44 12.85
CA LYS A 369 -17.78 15.54 13.92
C LYS A 369 -16.48 14.80 13.62
N CYS A 370 -15.91 14.98 12.42
CA CYS A 370 -14.71 14.27 12.00
C CYS A 370 -13.55 15.25 12.10
N GLY A 371 -12.79 15.17 13.18
CA GLY A 371 -11.72 16.12 13.41
C GLY A 371 -10.35 15.51 13.66
N ALA A 372 -10.27 14.19 13.67
CA ALA A 372 -9.00 13.51 13.93
C ALA A 372 -8.26 13.22 12.62
N ALA A 373 -6.95 13.01 12.75
CA ALA A 373 -6.13 12.78 11.57
C ALA A 373 -6.53 11.50 10.86
N ILE A 374 -6.66 11.58 9.54
CA ILE A 374 -7.04 10.45 8.71
C ILE A 374 -5.76 9.84 8.15
N ARG A 375 -5.44 8.62 8.58
CA ARG A 375 -4.17 7.99 8.24
C ARG A 375 -4.20 7.31 6.88
N GLN A 376 -5.35 6.72 6.52
CA GLN A 376 -5.48 6.03 5.24
C GLN A 376 -6.95 6.03 4.84
N THR A 377 -7.18 5.93 3.54
CA THR A 377 -8.51 5.80 2.95
C THR A 377 -8.53 4.58 2.04
N SER A 378 -9.74 4.09 1.73
CA SER A 378 -9.88 3.02 0.76
C SER A 378 -11.18 3.19 0.01
N PHE A 379 -11.12 3.12 -1.32
CA PHE A 379 -12.31 3.05 -2.17
C PHE A 379 -12.74 1.60 -2.35
N SER A 380 -14.06 1.39 -2.38
CA SER A 380 -14.56 0.12 -2.88
C SER A 380 -14.16 -0.03 -4.35
N ARG A 381 -14.24 -1.26 -4.87
CA ARG A 381 -13.77 -1.52 -6.22
C ARG A 381 -14.47 -0.65 -7.25
N ASP A 382 -15.77 -0.42 -7.09
CA ASP A 382 -16.52 0.41 -8.04
C ASP A 382 -16.50 1.90 -7.67
N SER A 383 -15.82 2.27 -6.59
CA SER A 383 -15.71 3.63 -6.11
C SER A 383 -17.02 4.18 -5.56
N SER A 384 -17.98 3.31 -5.25
CA SER A 384 -19.24 3.80 -4.68
C SER A 384 -19.13 4.13 -3.21
N ILE A 385 -18.10 3.62 -2.53
CA ILE A 385 -17.90 3.86 -1.11
C ILE A 385 -16.45 4.24 -0.88
N LEU A 386 -16.24 5.23 -0.02
CA LEU A 386 -14.91 5.64 0.45
C LEU A 386 -14.90 5.56 1.96
N ILE A 387 -13.93 4.82 2.52
CA ILE A 387 -13.77 4.69 3.96
C ILE A 387 -12.51 5.42 4.37
N ALA A 388 -12.58 6.19 5.45
CA ALA A 388 -11.43 6.84 6.06
C ALA A 388 -11.28 6.35 7.49
N VAL A 389 -10.04 6.15 7.94
CA VAL A 389 -9.79 5.73 9.33
C VAL A 389 -8.82 6.70 9.99
N CYS A 390 -8.93 6.86 11.32
CA CYS A 390 -8.40 8.02 12.02
C CYS A 390 -7.58 7.65 13.25
N ASP A 391 -6.85 8.66 13.75
CA ASP A 391 -5.98 8.50 14.93
C ASP A 391 -6.75 8.27 16.22
N ASP A 392 -8.04 8.61 16.27
CA ASP A 392 -8.86 8.34 17.45
C ASP A 392 -9.64 7.03 17.33
N ALA A 393 -9.26 6.18 16.39
CA ALA A 393 -9.83 4.85 16.16
C ALA A 393 -11.21 4.92 15.52
N SER A 394 -11.57 6.07 14.94
CA SER A 394 -12.86 6.21 14.28
C SER A 394 -12.76 5.83 12.80
N ILE A 395 -13.89 5.41 12.25
CA ILE A 395 -14.03 4.96 10.87
C ILE A 395 -15.17 5.76 10.27
N TRP A 396 -14.97 6.31 9.07
CA TRP A 396 -15.95 7.18 8.42
C TRP A 396 -16.30 6.62 7.05
N ARG A 397 -17.59 6.47 6.78
CA ARG A 397 -18.07 5.91 5.52
C ARG A 397 -18.74 6.99 4.69
N TRP A 398 -18.26 7.16 3.45
CA TRP A 398 -18.79 8.13 2.50
C TRP A 398 -19.32 7.36 1.29
N ASP A 399 -20.58 7.60 0.94
CA ASP A 399 -21.23 6.93 -0.18
C ASP A 399 -21.45 7.91 -1.31
N ARG A 400 -21.23 7.42 -2.54
CA ARG A 400 -21.51 8.23 -3.73
C ARG A 400 -23.01 8.16 -4.01
N LEU A 401 -23.72 9.25 -3.73
CA LEU A 401 -25.17 9.24 -3.82
C LEU A 401 -25.66 10.31 -4.80
#